data_5YHT
#
_entry.id   5YHT
#
_cell.length_a   92.664
_cell.length_b   142.446
_cell.length_c   48.723
_cell.angle_alpha   90.00
_cell.angle_beta   90.00
_cell.angle_gamma   90.00
#
_symmetry.space_group_name_H-M   'P 21 21 2'
#
loop_
_entity.id
_entity.type
_entity.pdbx_description
1 polymer Histidinol-phosphatase
2 non-polymer 'ZINC ION'
3 non-polymer 'PHOSPHORIC ACID MONO-[2-AMINO-3-(3H-IMIDAZOL-4-YL)-PROPYL]ESTER'
4 non-polymer 'PHOSPHATE ION'
5 non-polymer L-histidinol
6 water water
#
_entity_poly.entity_id   1
_entity_poly.type   'polypeptide(L)'
_entity_poly.pdbx_seq_one_letter_code
;MHHHHHHVSHDDLMLALALADRADELTRVRFGALDLRIDTKPDLTPVTDADRAVESDVRQTLGRDRPGDGVLGEEFGGST
TFTGRQWIVDPIDGTKNFVRGVPVWASLIALLEDGVPSVGVVSAPALQRRWWAARGRGAFASVDGARPHRLSVSSVAELH
SASLSFSSLSGWARPGLRERFIGLTDTVWRVRAYGDFLSYCLVAEGAVDIAAEPQVSVWDLAALDIVVREAGGRLTSLDG
VAGPHGGSAVATNGLLHDEVLTRLNAG
;
_entity_poly.pdbx_strand_id   A,B
#
loop_
_chem_comp.id
_chem_comp.type
_chem_comp.name
_chem_comp.formula
HSA non-polymer 'PHOSPHORIC ACID MONO-[2-AMINO-3-(3H-IMIDAZOL-4-YL)-PROPYL]ESTER' 'C6 H12 N3 O4 P'
PO4 non-polymer 'PHOSPHATE ION' 'O4 P -3'
ZN non-polymer 'ZINC ION' 'Zn 2'
#
# COMPACT_ATOMS: atom_id res chain seq x y z
N ASP A 11 -10.87 -31.02 6.27
CA ASP A 11 -9.77 -30.96 5.28
C ASP A 11 -8.71 -29.88 5.56
N ASP A 12 -7.72 -29.84 4.67
CA ASP A 12 -6.54 -29.02 4.80
C ASP A 12 -6.76 -27.52 4.71
N LEU A 13 -7.60 -27.07 3.78
CA LEU A 13 -7.95 -25.65 3.71
C LEU A 13 -8.59 -25.16 5.01
N MET A 14 -9.56 -25.90 5.53
CA MET A 14 -10.25 -25.55 6.77
C MET A 14 -9.25 -25.33 7.91
N LEU A 15 -8.25 -26.22 8.00
CA LEU A 15 -7.22 -26.08 9.03
C LEU A 15 -6.32 -24.85 8.80
N ALA A 16 -5.89 -24.63 7.55
CA ALA A 16 -5.09 -23.45 7.22
C ALA A 16 -5.80 -22.15 7.59
N LEU A 17 -7.09 -22.09 7.31
CA LEU A 17 -7.91 -20.92 7.65
C LEU A 17 -7.99 -20.76 9.15
N ALA A 18 -8.08 -21.87 9.86
CA ALA A 18 -8.14 -21.87 11.33
C ALA A 18 -6.82 -21.41 11.93
N LEU A 19 -5.70 -21.82 11.31
CA LEU A 19 -4.37 -21.41 11.75
C LEU A 19 -4.18 -19.90 11.59
N ALA A 20 -4.69 -19.36 10.47
CA ALA A 20 -4.64 -17.92 10.20
C ALA A 20 -5.51 -17.14 11.19
N ASP A 21 -6.69 -17.68 11.54
CA ASP A 21 -7.53 -17.09 12.58
C ASP A 21 -6.75 -16.94 13.89
N ARG A 22 -5.96 -17.96 14.21
CA ARG A 22 -5.20 -18.00 15.42
C ARG A 22 -4.01 -17.05 15.34
N ALA A 23 -3.27 -17.12 14.23
CA ALA A 23 -2.17 -16.17 13.99
C ALA A 23 -2.68 -14.73 14.03
N ASP A 24 -3.84 -14.47 13.45
CA ASP A 24 -4.44 -13.13 13.48
C ASP A 24 -4.66 -12.60 14.88
N GLU A 25 -5.10 -13.46 15.80
CA GLU A 25 -5.28 -13.09 17.20
C GLU A 25 -3.92 -12.67 17.81
N LEU A 26 -2.88 -13.45 17.50
CA LEU A 26 -1.55 -13.25 18.04
C LEU A 26 -0.90 -12.01 17.48
N THR A 27 -1.05 -11.80 16.19
CA THR A 27 -0.43 -10.64 15.55
C THR A 27 -1.11 -9.32 15.83
N ARG A 28 -2.45 -9.30 15.80
CA ARG A 28 -3.24 -8.08 16.10
C ARG A 28 -2.86 -7.40 17.42
N VAL A 29 -2.82 -8.20 18.51
CA VAL A 29 -2.50 -7.72 19.87
C VAL A 29 -1.07 -7.16 19.93
N ARG A 30 -0.12 -7.90 19.38
CA ARG A 30 1.27 -7.46 19.32
C ARG A 30 1.51 -6.22 18.45
N PHE A 31 0.82 -6.11 17.30
CA PHE A 31 0.89 -4.89 16.46
C PHE A 31 0.44 -3.68 17.24
N GLY A 32 -0.73 -3.80 17.87
CA GLY A 32 -1.28 -2.75 18.74
C GLY A 32 -0.37 -2.37 19.91
N ALA A 33 0.32 -3.35 20.47
CA ALA A 33 1.19 -3.16 21.63
C ALA A 33 2.49 -2.40 21.35
N LEU A 34 2.84 -2.23 20.08
CA LEU A 34 4.13 -1.65 19.66
C LEU A 34 4.33 -0.19 20.10
N ASP A 35 5.50 0.10 20.67
CA ASP A 35 5.91 1.49 20.95
C ASP A 35 6.46 2.06 19.66
N LEU A 36 5.72 3.00 19.08
CA LEU A 36 6.01 3.43 17.72
C LEU A 36 7.01 4.61 17.62
N ARG A 37 7.31 5.24 18.77
CA ARG A 37 8.36 6.26 18.86
C ARG A 37 9.69 5.66 18.37
N ILE A 38 10.34 6.37 17.45
CA ILE A 38 11.55 5.90 16.78
C ILE A 38 12.43 7.10 16.38
N ASP A 39 13.75 6.89 16.31
CA ASP A 39 14.71 7.94 15.94
C ASP A 39 15.94 7.44 15.16
N THR A 40 16.01 6.13 14.95
CA THR A 40 17.06 5.47 14.16
C THR A 40 16.42 4.25 13.45
N LYS A 41 17.24 3.39 12.82
CA LYS A 41 16.73 2.12 12.29
C LYS A 41 16.00 1.39 13.41
N PRO A 42 14.85 0.75 13.11
CA PRO A 42 14.01 0.26 14.21
C PRO A 42 14.54 -1.00 14.90
N ASP A 43 14.25 -1.10 16.20
CA ASP A 43 14.44 -2.30 17.00
C ASP A 43 13.53 -3.40 16.43
N LEU A 44 14.13 -4.27 15.61
CA LEU A 44 13.44 -5.44 15.05
C LEU A 44 13.08 -6.47 16.12
N THR A 45 13.70 -6.36 17.31
CA THR A 45 13.50 -7.27 18.47
C THR A 45 12.06 -7.76 18.76
N PRO A 46 11.12 -6.83 19.03
CA PRO A 46 9.71 -7.20 19.26
C PRO A 46 8.99 -7.91 18.09
N VAL A 47 9.37 -7.62 16.85
CA VAL A 47 8.86 -8.36 15.69
C VAL A 47 9.44 -9.78 15.63
N THR A 48 10.73 -9.94 15.89
CA THR A 48 11.35 -11.26 16.00
C THR A 48 10.66 -12.06 17.12
N ASP A 49 10.33 -11.38 18.22
CA ASP A 49 9.58 -11.98 19.32
C ASP A 49 8.24 -12.52 18.79
N ALA A 50 7.43 -11.60 18.24
CA ALA A 50 6.13 -11.91 17.64
C ALA A 50 6.19 -12.96 16.55
N ASP A 51 7.21 -12.88 15.70
CA ASP A 51 7.40 -13.85 14.63
C ASP A 51 7.64 -15.22 15.23
N ARG A 52 8.44 -15.29 16.30
CA ARG A 52 8.75 -16.56 16.97
C ARG A 52 7.56 -17.13 17.71
N ALA A 53 6.81 -16.24 18.35
CA ALA A 53 5.63 -16.61 19.11
C ALA A 53 4.57 -17.24 18.22
N VAL A 54 4.32 -16.65 17.04
CA VAL A 54 3.31 -17.19 16.12
C VAL A 54 3.75 -18.50 15.48
N GLU A 55 5.04 -18.61 15.14
CA GLU A 55 5.61 -19.86 14.62
C GLU A 55 5.48 -21.00 15.61
N SER A 56 5.90 -20.76 16.86
CA SER A 56 5.83 -21.76 17.92
C SER A 56 4.39 -22.26 18.07
N ASP A 57 3.44 -21.32 18.01
CA ASP A 57 2.02 -21.63 18.18
C ASP A 57 1.46 -22.46 17.02
N VAL A 58 1.93 -22.17 15.81
CA VAL A 58 1.55 -22.92 14.61
C VAL A 58 2.14 -24.33 14.62
N ARG A 59 3.42 -24.42 15.01
CA ARG A 59 4.10 -25.72 15.19
C ARG A 59 3.37 -26.63 16.21
N GLN A 60 2.98 -26.04 17.34
CA GLN A 60 2.21 -26.73 18.38
C GLN A 60 0.84 -27.25 17.90
N THR A 61 0.10 -26.38 17.20
CA THR A 61 -1.17 -26.79 16.56
C THR A 61 -0.93 -27.87 15.48
N LEU A 62 0.11 -27.71 14.67
CA LEU A 62 0.38 -28.66 13.59
C LEU A 62 0.76 -30.04 14.13
N GLY A 63 1.59 -30.04 15.16
CA GLY A 63 2.05 -31.25 15.86
C GLY A 63 0.93 -32.10 16.41
N ARG A 64 -0.08 -31.44 16.99
CA ARG A 64 -1.34 -32.06 17.39
C ARG A 64 -2.15 -32.51 16.18
N ASP A 65 -2.68 -31.55 15.45
CA ASP A 65 -3.71 -31.75 14.45
C ASP A 65 -3.33 -32.23 13.05
N ARG A 66 -2.10 -32.58 12.70
CA ARG A 66 -1.79 -33.25 11.40
C ARG A 66 -0.39 -33.74 11.72
N PRO A 67 -0.27 -34.68 12.71
CA PRO A 67 0.99 -35.18 13.28
C PRO A 67 1.97 -35.65 12.25
N GLY A 68 1.46 -36.23 11.17
CA GLY A 68 2.25 -36.81 10.07
C GLY A 68 3.06 -35.79 9.28
N ASP A 69 2.42 -34.66 8.99
CA ASP A 69 2.95 -33.66 8.06
C ASP A 69 4.17 -32.95 8.64
N GLY A 70 5.13 -32.66 7.76
CA GLY A 70 6.30 -31.85 8.08
C GLY A 70 5.96 -30.38 8.24
N VAL A 71 6.91 -29.61 8.78
CA VAL A 71 6.79 -28.15 8.87
C VAL A 71 8.13 -27.43 8.73
N LEU A 72 8.14 -26.46 7.83
CA LEU A 72 9.30 -25.62 7.56
C LEU A 72 8.93 -24.24 8.05
N GLY A 73 9.79 -23.65 8.88
CA GLY A 73 9.53 -22.35 9.46
C GLY A 73 10.62 -21.35 9.11
N GLU A 74 10.21 -20.15 8.72
CA GLU A 74 11.17 -19.08 8.41
C GLU A 74 11.95 -18.65 9.64
N GLU A 75 11.30 -18.71 10.80
CA GLU A 75 11.87 -18.24 12.05
C GLU A 75 12.68 -19.33 12.77
N PHE A 76 12.16 -20.55 12.81
CA PHE A 76 12.75 -21.67 13.57
C PHE A 76 13.43 -22.81 12.78
N GLY A 77 12.97 -23.08 11.56
CA GLY A 77 13.59 -24.12 10.72
C GLY A 77 12.67 -25.28 10.34
N GLY A 78 13.14 -26.14 9.44
CA GLY A 78 12.46 -27.38 9.05
C GLY A 78 13.39 -28.20 8.20
N SER A 79 13.00 -29.43 7.85
CA SER A 79 13.79 -30.30 6.95
C SER A 79 14.08 -29.56 5.64
N THR A 80 15.34 -29.51 5.22
CA THR A 80 15.77 -28.70 4.05
C THR A 80 15.18 -29.13 2.70
N THR A 81 15.00 -30.44 2.52
CA THR A 81 14.37 -31.01 1.31
C THR A 81 12.84 -30.87 1.36
N PHE A 82 12.15 -31.34 0.33
CA PHE A 82 10.76 -31.05 0.12
C PHE A 82 10.03 -32.34 -0.18
N THR A 83 9.72 -33.11 0.84
CA THR A 83 9.02 -34.37 0.64
C THR A 83 7.59 -34.34 1.17
N GLY A 84 6.68 -35.03 0.47
CA GLY A 84 5.32 -35.32 0.98
C GLY A 84 4.53 -34.09 1.35
N ARG A 85 3.70 -34.20 2.40
CA ARG A 85 2.99 -33.06 3.00
C ARG A 85 3.91 -32.20 3.90
N GLN A 86 4.04 -30.91 3.57
CA GLN A 86 4.90 -29.99 4.33
C GLN A 86 4.26 -28.62 4.44
N TRP A 87 4.13 -28.12 5.66
CA TRP A 87 3.64 -26.79 5.87
C TRP A 87 4.79 -25.80 5.90
N ILE A 88 4.56 -24.64 5.30
CA ILE A 88 5.58 -23.61 5.17
C ILE A 88 4.89 -22.35 5.73
N VAL A 89 5.57 -21.67 6.66
CA VAL A 89 4.94 -20.61 7.44
C VAL A 89 5.88 -19.44 7.59
N ASP A 90 5.46 -18.29 7.10
CA ASP A 90 6.05 -17.03 7.53
C ASP A 90 5.02 -16.24 8.32
N PRO A 91 5.19 -16.19 9.66
CA PRO A 91 4.15 -15.61 10.50
C PRO A 91 3.94 -14.11 10.26
N ILE A 92 5.02 -13.38 9.94
CA ILE A 92 4.88 -11.95 9.66
C ILE A 92 5.73 -11.61 8.47
N ASP A 93 5.12 -11.57 7.29
CA ASP A 93 5.73 -10.97 6.10
C ASP A 93 5.45 -9.48 6.16
N GLY A 94 6.48 -8.68 5.99
CA GLY A 94 6.39 -7.24 6.20
C GLY A 94 6.74 -6.78 7.62
N THR A 95 7.70 -7.47 8.27
CA THR A 95 8.18 -7.00 9.58
C THR A 95 8.67 -5.57 9.60
N LYS A 96 9.32 -5.11 8.53
CA LYS A 96 9.79 -3.71 8.48
C LYS A 96 8.61 -2.71 8.47
N ASN A 97 7.44 -3.13 7.97
CA ASN A 97 6.24 -2.30 8.09
C ASN A 97 5.68 -2.42 9.49
N PHE A 98 5.48 -3.66 9.94
CA PHE A 98 5.01 -3.98 11.30
C PHE A 98 5.67 -3.07 12.34
N VAL A 99 7.01 -3.05 12.37
CA VAL A 99 7.79 -2.30 13.34
C VAL A 99 7.65 -0.76 13.25
N ARG A 100 7.32 -0.25 12.07
CA ARG A 100 7.07 1.19 11.90
C ARG A 100 5.59 1.60 12.10
N GLY A 101 4.71 0.62 12.32
CA GLY A 101 3.27 0.90 12.43
C GLY A 101 2.50 0.91 11.10
N VAL A 102 3.18 0.58 10.00
CA VAL A 102 2.56 0.50 8.68
C VAL A 102 1.85 -0.85 8.59
N PRO A 103 0.54 -0.83 8.27
CA PRO A 103 -0.25 -2.06 8.42
C PRO A 103 -0.11 -3.09 7.27
N VAL A 104 0.77 -2.85 6.31
CA VAL A 104 1.03 -3.78 5.20
C VAL A 104 1.92 -4.93 5.69
N TRP A 105 1.29 -5.94 6.28
CA TRP A 105 2.00 -7.11 6.79
C TRP A 105 0.99 -8.23 6.94
N ALA A 106 1.46 -9.47 6.79
CA ALA A 106 0.56 -10.62 6.79
C ALA A 106 1.26 -11.90 7.23
N SER A 107 0.48 -12.85 7.76
CA SER A 107 0.93 -14.21 7.94
C SER A 107 0.73 -14.96 6.65
N LEU A 108 1.73 -15.72 6.25
CA LEU A 108 1.62 -16.59 5.08
C LEU A 108 1.70 -18.07 5.49
N ILE A 109 0.62 -18.80 5.26
CA ILE A 109 0.47 -20.20 5.68
C ILE A 109 0.20 -21.00 4.43
N ALA A 110 1.06 -21.97 4.10
CA ALA A 110 0.89 -22.78 2.89
C ALA A 110 1.21 -24.25 3.14
N LEU A 111 0.41 -25.16 2.56
CA LEU A 111 0.76 -26.58 2.47
C LEU A 111 1.37 -26.93 1.11
N LEU A 112 2.53 -27.57 1.13
CA LEU A 112 3.18 -28.06 -0.08
C LEU A 112 3.03 -29.58 -0.15
N GLU A 113 2.68 -30.09 -1.34
CA GLU A 113 2.66 -31.53 -1.58
C GLU A 113 3.73 -31.85 -2.60
N ASP A 114 4.74 -32.59 -2.15
CA ASP A 114 5.97 -32.87 -2.89
C ASP A 114 6.56 -31.57 -3.46
N GLY A 115 6.53 -30.53 -2.64
CA GLY A 115 7.10 -29.24 -3.04
C GLY A 115 6.24 -28.37 -3.95
N VAL A 116 4.99 -28.79 -4.15
CA VAL A 116 4.03 -28.03 -4.97
C VAL A 116 2.92 -27.47 -4.06
N PRO A 117 2.81 -26.12 -3.95
CA PRO A 117 1.79 -25.50 -3.10
C PRO A 117 0.37 -25.92 -3.45
N SER A 118 -0.35 -26.44 -2.47
CA SER A 118 -1.69 -26.96 -2.68
C SER A 118 -2.75 -26.18 -1.92
N VAL A 119 -2.31 -25.45 -0.89
CA VAL A 119 -3.19 -24.62 -0.05
C VAL A 119 -2.42 -23.39 0.37
N GLY A 120 -3.07 -22.24 0.30
CA GLY A 120 -2.45 -20.96 0.64
C GLY A 120 -3.41 -20.10 1.42
N VAL A 121 -2.92 -19.47 2.49
CA VAL A 121 -3.64 -18.38 3.16
C VAL A 121 -2.69 -17.20 3.37
N VAL A 122 -3.12 -16.02 2.94
CA VAL A 122 -2.43 -14.76 3.25
C VAL A 122 -3.37 -13.98 4.16
N SER A 123 -2.96 -13.76 5.41
CA SER A 123 -3.81 -13.08 6.37
C SER A 123 -3.21 -11.78 6.92
N ALA A 124 -3.85 -10.67 6.58
CA ALA A 124 -3.40 -9.34 6.90
C ALA A 124 -4.44 -8.68 7.79
N PRO A 125 -4.46 -9.03 9.09
CA PRO A 125 -5.54 -8.49 9.95
C PRO A 125 -5.59 -6.96 10.00
N ALA A 126 -4.44 -6.29 9.98
CA ALA A 126 -4.36 -4.83 10.09
C ALA A 126 -4.83 -4.09 8.83
N LEU A 127 -4.91 -4.82 7.71
CA LEU A 127 -5.62 -4.37 6.50
C LEU A 127 -7.05 -4.94 6.40
N GLN A 128 -7.48 -5.67 7.43
CA GLN A 128 -8.81 -6.25 7.46
C GLN A 128 -9.03 -7.12 6.22
N ARG A 129 -8.01 -7.86 5.84
CA ARG A 129 -8.07 -8.70 4.65
C ARG A 129 -7.49 -10.12 4.84
N ARG A 130 -8.08 -11.06 4.12
CA ARG A 130 -7.53 -12.40 3.97
C ARG A 130 -7.69 -12.83 2.50
N TRP A 131 -6.68 -13.53 1.98
CA TRP A 131 -6.74 -14.16 0.67
C TRP A 131 -6.43 -15.64 0.86
N TRP A 132 -7.17 -16.52 0.18
CA TRP A 132 -6.87 -17.96 0.27
C TRP A 132 -7.19 -18.73 -1.01
N ALA A 133 -6.61 -19.92 -1.13
CA ALA A 133 -6.76 -20.78 -2.30
C ALA A 133 -6.38 -22.21 -1.95
N ALA A 134 -7.18 -23.16 -2.44
CA ALA A 134 -6.85 -24.61 -2.44
C ALA A 134 -6.89 -25.12 -3.88
N ARG A 135 -5.97 -26.02 -4.26
CA ARG A 135 -5.83 -26.53 -5.63
C ARG A 135 -7.14 -27.04 -6.18
N GLY A 136 -7.52 -26.55 -7.36
CA GLY A 136 -8.78 -26.90 -8.00
C GLY A 136 -10.06 -26.40 -7.35
N ARG A 137 -9.93 -25.61 -6.29
CA ARG A 137 -11.12 -25.10 -5.57
C ARG A 137 -11.32 -23.57 -5.71
N GLY A 138 -10.36 -22.91 -6.37
CA GLY A 138 -10.42 -21.48 -6.58
C GLY A 138 -9.78 -20.64 -5.48
N ALA A 139 -9.57 -19.36 -5.80
CA ALA A 139 -9.01 -18.36 -4.89
C ALA A 139 -10.09 -17.41 -4.43
N PHE A 140 -9.97 -16.95 -3.20
CA PHE A 140 -10.99 -16.09 -2.62
C PHE A 140 -10.34 -15.00 -1.80
N ALA A 141 -11.09 -13.94 -1.52
CA ALA A 141 -10.67 -12.91 -0.58
C ALA A 141 -11.84 -12.48 0.30
N SER A 142 -11.56 -12.12 1.55
CA SER A 142 -12.55 -11.44 2.38
C SER A 142 -12.03 -10.06 2.81
N VAL A 143 -12.94 -9.09 2.91
CA VAL A 143 -12.70 -7.78 3.56
C VAL A 143 -13.55 -7.59 4.83
N ASP A 144 -12.87 -7.46 5.97
CA ASP A 144 -13.47 -7.32 7.31
C ASP A 144 -14.42 -8.47 7.65
N GLY A 145 -13.99 -9.67 7.30
CA GLY A 145 -14.74 -10.90 7.60
C GLY A 145 -16.05 -11.06 6.87
N ALA A 146 -16.42 -10.10 6.02
CA ALA A 146 -17.63 -10.14 5.18
C ALA A 146 -17.50 -11.25 4.13
N ARG A 147 -18.63 -11.70 3.60
CA ARG A 147 -18.71 -12.84 2.67
C ARG A 147 -17.62 -12.81 1.58
N PRO A 148 -16.89 -13.93 1.41
CA PRO A 148 -15.79 -14.07 0.46
C PRO A 148 -16.18 -13.84 -1.00
N HIS A 149 -15.26 -13.28 -1.78
CA HIS A 149 -15.44 -13.08 -3.22
C HIS A 149 -14.45 -13.92 -4.01
N ARG A 150 -14.94 -14.61 -5.04
CA ARG A 150 -14.05 -15.37 -5.92
C ARG A 150 -13.16 -14.42 -6.74
N LEU A 151 -11.87 -14.72 -6.77
CA LEU A 151 -10.90 -13.88 -7.46
C LEU A 151 -10.65 -14.36 -8.87
N SER A 152 -10.43 -13.39 -9.76
CA SER A 152 -9.90 -13.66 -11.10
C SER A 152 -8.95 -12.54 -11.51
N VAL A 153 -7.91 -12.92 -12.24
CA VAL A 153 -6.99 -11.94 -12.75
C VAL A 153 -7.66 -11.04 -13.79
N SER A 154 -7.02 -9.92 -14.12
CA SER A 154 -7.53 -8.97 -15.09
C SER A 154 -7.44 -9.54 -16.50
N SER A 155 -8.04 -8.87 -17.47
CA SER A 155 -7.96 -9.31 -18.86
C SER A 155 -7.03 -8.42 -19.71
N VAL A 156 -6.18 -7.65 -19.03
CA VAL A 156 -5.32 -6.67 -19.69
C VAL A 156 -4.27 -7.36 -20.54
N ALA A 157 -4.34 -7.14 -21.84
CA ALA A 157 -3.49 -7.86 -22.78
C ALA A 157 -2.27 -7.09 -23.25
N GLU A 158 -2.34 -5.76 -23.24
CA GLU A 158 -1.22 -4.93 -23.71
C GLU A 158 -0.42 -4.27 -22.56
N LEU A 159 0.90 -4.35 -22.63
CA LEU A 159 1.83 -3.80 -21.61
C LEU A 159 1.58 -2.31 -21.35
N HIS A 160 1.38 -1.54 -22.42
CA HIS A 160 1.07 -0.10 -22.36
C HIS A 160 -0.19 0.24 -21.55
N SER A 161 -1.03 -0.75 -21.26
CA SER A 161 -2.28 -0.56 -20.52
C SER A 161 -2.27 -1.19 -19.13
N ALA A 162 -1.11 -1.74 -18.77
CA ALA A 162 -0.97 -2.56 -17.55
C ALA A 162 -0.61 -1.75 -16.32
N SER A 163 -1.15 -2.18 -15.18
CA SER A 163 -0.76 -1.66 -13.85
C SER A 163 0.23 -2.63 -13.18
N LEU A 164 1.37 -2.08 -12.78
CA LEU A 164 2.45 -2.80 -12.09
C LEU A 164 2.61 -2.35 -10.64
N SER A 165 2.79 -3.31 -9.72
CA SER A 165 3.23 -3.01 -8.34
C SER A 165 4.50 -3.76 -7.95
N PHE A 166 5.47 -3.07 -7.41
CA PHE A 166 6.71 -3.73 -6.98
C PHE A 166 6.99 -3.54 -5.48
N SER A 167 8.24 -3.74 -5.06
CA SER A 167 8.61 -3.48 -3.67
C SER A 167 9.52 -2.25 -3.49
N SER A 168 10.76 -2.37 -3.93
CA SER A 168 11.71 -1.27 -3.86
C SER A 168 12.67 -1.42 -5.01
N LEU A 169 13.30 -0.31 -5.40
CA LEU A 169 14.19 -0.29 -6.57
C LEU A 169 15.56 -0.91 -6.27
N SER A 170 16.05 -0.72 -5.04
CA SER A 170 17.35 -1.27 -4.58
C SER A 170 17.57 -2.78 -4.83
N GLY A 171 16.57 -3.61 -4.56
CA GLY A 171 16.70 -5.06 -4.79
C GLY A 171 17.18 -5.47 -6.19
N TRP A 172 16.76 -4.73 -7.22
CA TRP A 172 17.17 -4.99 -8.60
C TRP A 172 18.63 -4.55 -8.69
N ALA A 173 19.51 -5.52 -8.43
CA ALA A 173 20.91 -5.26 -8.10
C ALA A 173 21.72 -4.98 -9.35
N ARG A 174 21.83 -5.99 -10.20
CA ARG A 174 22.53 -5.89 -11.48
C ARG A 174 22.17 -4.57 -12.20
N PRO A 175 23.20 -3.71 -12.46
CA PRO A 175 23.04 -2.41 -13.17
C PRO A 175 22.25 -2.45 -14.48
N GLY A 176 22.30 -3.58 -15.19
CA GLY A 176 21.49 -3.80 -16.40
C GLY A 176 20.04 -4.22 -16.14
N LEU A 177 19.83 -5.11 -15.17
CA LEU A 177 18.47 -5.54 -14.78
C LEU A 177 17.67 -4.37 -14.17
N ARG A 178 18.38 -3.48 -13.48
CA ARG A 178 17.78 -2.29 -12.92
C ARG A 178 17.30 -1.39 -14.06
N GLU A 179 18.17 -1.16 -15.05
CA GLU A 179 17.80 -0.35 -16.23
C GLU A 179 16.61 -0.96 -16.95
N ARG A 180 16.65 -2.28 -17.13
CA ARG A 180 15.57 -3.02 -17.74
C ARG A 180 14.27 -2.88 -16.96
N PHE A 181 14.34 -2.96 -15.64
CA PHE A 181 13.15 -2.86 -14.80
C PHE A 181 12.56 -1.44 -14.80
N ILE A 182 13.46 -0.46 -14.69
CA ILE A 182 13.13 0.96 -14.76
C ILE A 182 12.42 1.21 -16.11
N GLY A 183 13.01 0.66 -17.17
CA GLY A 183 12.38 0.60 -18.49
C GLY A 183 10.96 0.08 -18.50
N LEU A 184 10.75 -1.09 -17.91
CA LEU A 184 9.41 -1.68 -17.77
C LEU A 184 8.40 -0.74 -17.10
N THR A 185 8.85 -0.04 -16.05
CA THR A 185 8.01 0.92 -15.34
C THR A 185 7.63 2.11 -16.23
N ASP A 186 8.55 2.54 -17.08
CA ASP A 186 8.25 3.58 -18.06
C ASP A 186 7.17 3.19 -19.09
N THR A 187 7.19 1.94 -19.53
CA THR A 187 6.23 1.48 -20.54
C THR A 187 4.79 1.22 -20.04
N VAL A 188 4.63 0.78 -18.80
CA VAL A 188 3.28 0.41 -18.31
C VAL A 188 2.43 1.62 -17.97
N TRP A 189 1.14 1.39 -17.81
CA TRP A 189 0.20 2.49 -17.66
C TRP A 189 0.28 3.11 -16.27
N ARG A 190 0.45 2.25 -15.26
CA ARG A 190 0.42 2.63 -13.85
C ARG A 190 1.53 1.90 -13.09
N VAL A 191 2.22 2.61 -12.21
CA VAL A 191 3.27 2.02 -11.37
C VAL A 191 3.03 2.42 -9.92
N ARG A 192 2.93 1.42 -9.05
CA ARG A 192 3.04 1.62 -7.61
C ARG A 192 3.98 0.58 -7.00
N ALA A 193 4.26 0.70 -5.69
CA ALA A 193 5.02 -0.32 -5.00
C ALA A 193 4.37 -0.57 -3.67
N TYR A 194 3.28 -1.33 -3.67
CA TYR A 194 2.56 -1.58 -2.43
C TYR A 194 3.34 -2.53 -1.54
N GLY A 195 4.20 -3.32 -2.18
CA GLY A 195 5.20 -4.09 -1.49
C GLY A 195 4.77 -5.47 -1.03
N ASP A 196 5.78 -6.35 -0.94
CA ASP A 196 5.67 -7.66 -0.27
C ASP A 196 4.55 -8.48 -0.88
N PHE A 197 3.69 -9.01 -0.02
CA PHE A 197 2.60 -9.89 -0.42
C PHE A 197 1.50 -9.15 -1.15
N LEU A 198 1.35 -7.86 -0.84
CA LEU A 198 0.23 -7.08 -1.33
C LEU A 198 0.22 -7.02 -2.86
N SER A 199 1.38 -6.77 -3.47
CA SER A 199 1.45 -6.68 -4.92
C SER A 199 0.85 -7.92 -5.58
N TYR A 200 1.20 -9.09 -5.05
CA TYR A 200 0.77 -10.38 -5.60
C TYR A 200 -0.72 -10.64 -5.37
N CYS A 201 -1.22 -10.30 -4.19
CA CYS A 201 -2.66 -10.43 -3.91
C CYS A 201 -3.51 -9.54 -4.80
N LEU A 202 -2.99 -8.36 -5.13
CA LEU A 202 -3.62 -7.41 -6.05
C LEU A 202 -3.65 -7.92 -7.51
N VAL A 203 -2.57 -8.54 -7.96
CA VAL A 203 -2.58 -9.31 -9.19
C VAL A 203 -3.67 -10.40 -9.19
N ALA A 204 -3.76 -11.17 -8.11
CA ALA A 204 -4.77 -12.22 -7.99
C ALA A 204 -6.18 -11.64 -8.02
N GLU A 205 -6.34 -10.44 -7.45
CA GLU A 205 -7.63 -9.77 -7.41
C GLU A 205 -8.00 -9.15 -8.76
N GLY A 206 -7.00 -9.06 -9.64
CA GLY A 206 -7.14 -8.40 -10.95
C GLY A 206 -7.19 -6.88 -10.87
N ALA A 207 -6.80 -6.33 -9.72
CA ALA A 207 -6.66 -4.89 -9.50
C ALA A 207 -5.29 -4.36 -9.99
N VAL A 208 -4.34 -5.30 -10.12
CA VAL A 208 -3.02 -5.00 -10.64
C VAL A 208 -2.77 -6.09 -11.68
N ASP A 209 -1.91 -5.80 -12.64
CA ASP A 209 -1.67 -6.75 -13.72
C ASP A 209 -0.29 -7.42 -13.61
N ILE A 210 0.68 -6.76 -12.98
CA ILE A 210 2.04 -7.29 -12.80
C ILE A 210 2.54 -7.00 -11.38
N ALA A 211 3.19 -7.99 -10.77
CA ALA A 211 3.91 -7.83 -9.51
C ALA A 211 5.28 -8.43 -9.71
N ALA A 212 6.33 -7.73 -9.30
CA ALA A 212 7.68 -8.30 -9.43
C ALA A 212 8.65 -8.05 -8.25
N GLU A 213 9.30 -9.11 -7.78
CA GLU A 213 10.35 -8.98 -6.77
C GLU A 213 11.61 -9.74 -7.20
N PRO A 214 12.80 -9.10 -7.15
CA PRO A 214 14.03 -9.70 -7.65
C PRO A 214 14.72 -10.70 -6.72
N GLN A 215 14.46 -10.60 -5.42
CA GLN A 215 14.91 -11.60 -4.47
C GLN A 215 13.81 -11.92 -3.45
N VAL A 216 13.26 -13.12 -3.53
CA VAL A 216 12.17 -13.53 -2.63
C VAL A 216 12.17 -15.05 -2.36
N SER A 217 12.12 -15.40 -1.07
CA SER A 217 12.27 -16.77 -0.58
C SER A 217 11.02 -17.62 -0.77
N VAL A 218 11.16 -18.94 -0.62
CA VAL A 218 10.03 -19.85 -0.73
C VAL A 218 8.94 -19.65 0.36
N TRP A 219 9.34 -19.24 1.56
CA TRP A 219 8.37 -18.96 2.62
C TRP A 219 7.45 -17.81 2.21
N ASP A 220 8.06 -16.80 1.60
CA ASP A 220 7.35 -15.63 1.13
C ASP A 220 6.51 -15.83 -0.14
N LEU A 221 6.79 -16.87 -0.95
CA LEU A 221 6.07 -17.11 -2.21
C LEU A 221 5.01 -18.21 -2.19
N ALA A 222 5.14 -19.15 -1.27
CA ALA A 222 4.36 -20.39 -1.35
C ALA A 222 2.84 -20.17 -1.36
N ALA A 223 2.34 -19.41 -0.40
CA ALA A 223 0.89 -19.13 -0.34
C ALA A 223 0.47 -18.33 -1.56
N LEU A 224 1.34 -17.43 -2.02
CA LEU A 224 1.05 -16.58 -3.18
C LEU A 224 0.92 -17.37 -4.47
N ASP A 225 1.79 -18.35 -4.66
CA ASP A 225 1.77 -19.16 -5.88
C ASP A 225 0.40 -19.79 -6.12
N ILE A 226 -0.14 -20.46 -5.13
CA ILE A 226 -1.46 -21.07 -5.24
C ILE A 226 -2.60 -20.04 -5.41
N VAL A 227 -2.53 -18.91 -4.70
CA VAL A 227 -3.57 -17.89 -4.81
C VAL A 227 -3.55 -17.27 -6.21
N VAL A 228 -2.38 -16.84 -6.67
CA VAL A 228 -2.23 -16.33 -8.05
C VAL A 228 -2.83 -17.31 -9.07
N ARG A 229 -2.40 -18.59 -9.01
CA ARG A 229 -2.82 -19.61 -9.98
C ARG A 229 -4.32 -19.89 -9.95
N GLU A 230 -4.87 -20.13 -8.77
CA GLU A 230 -6.32 -20.35 -8.63
C GLU A 230 -7.16 -19.13 -9.04
N ALA A 231 -6.56 -17.96 -9.04
CA ALA A 231 -7.20 -16.74 -9.56
C ALA A 231 -7.07 -16.65 -11.10
N GLY A 232 -6.23 -17.50 -11.68
CA GLY A 232 -6.11 -17.58 -13.12
C GLY A 232 -4.81 -17.03 -13.63
N GLY A 233 -3.92 -16.68 -12.71
CA GLY A 233 -2.69 -15.95 -13.04
C GLY A 233 -1.50 -16.84 -13.23
N ARG A 234 -0.34 -16.25 -13.53
CA ARG A 234 0.90 -17.00 -13.54
C ARG A 234 1.99 -16.37 -12.66
N LEU A 235 2.67 -17.21 -11.88
CA LEU A 235 3.80 -16.79 -11.05
C LEU A 235 5.02 -17.63 -11.38
N THR A 236 6.13 -16.96 -11.73
CA THR A 236 7.39 -17.61 -12.09
C THR A 236 8.58 -16.84 -11.57
N SER A 237 9.76 -17.44 -11.62
CA SER A 237 10.99 -16.68 -11.39
C SER A 237 11.24 -15.72 -12.55
N LEU A 238 12.28 -14.90 -12.42
CA LEU A 238 12.70 -13.98 -13.47
C LEU A 238 13.19 -14.76 -14.67
N ASP A 239 13.65 -15.99 -14.42
CA ASP A 239 14.08 -16.93 -15.47
C ASP A 239 12.91 -17.75 -16.06
N GLY A 240 11.67 -17.42 -15.67
CA GLY A 240 10.49 -18.14 -16.17
C GLY A 240 10.19 -19.52 -15.60
N VAL A 241 10.91 -19.94 -14.56
CA VAL A 241 10.60 -21.20 -13.85
C VAL A 241 9.36 -21.01 -12.99
N ALA A 242 8.29 -21.76 -13.29
CA ALA A 242 7.04 -21.72 -12.53
C ALA A 242 7.20 -22.05 -11.03
N GLY A 243 6.45 -21.35 -10.18
CA GLY A 243 6.40 -21.65 -8.75
C GLY A 243 7.36 -20.89 -7.83
N PRO A 244 7.37 -21.27 -6.52
CA PRO A 244 7.93 -20.54 -5.37
C PRO A 244 9.41 -20.70 -5.08
N HIS A 245 10.08 -21.60 -5.81
CA HIS A 245 11.48 -21.95 -5.49
C HIS A 245 12.54 -21.22 -6.30
N GLY A 246 12.11 -20.31 -7.16
CA GLY A 246 12.99 -19.63 -8.11
C GLY A 246 13.96 -18.62 -7.52
N GLY A 247 13.65 -18.06 -6.35
CA GLY A 247 14.46 -16.98 -5.76
C GLY A 247 14.06 -15.56 -6.15
N SER A 248 13.14 -15.48 -7.10
CA SER A 248 12.61 -14.21 -7.59
C SER A 248 11.24 -14.57 -8.07
N ALA A 249 10.35 -13.60 -8.19
CA ALA A 249 8.98 -13.86 -8.62
C ALA A 249 8.44 -12.71 -9.46
N VAL A 250 7.79 -13.10 -10.58
CA VAL A 250 7.02 -12.22 -11.43
C VAL A 250 5.62 -12.83 -11.49
N ALA A 251 4.63 -12.12 -10.97
CA ALA A 251 3.26 -12.58 -11.07
C ALA A 251 2.50 -11.66 -12.03
N THR A 252 1.69 -12.26 -12.90
CA THR A 252 0.89 -11.54 -13.88
C THR A 252 -0.48 -12.18 -14.03
N ASN A 253 -1.29 -11.60 -14.90
CA ASN A 253 -2.59 -12.15 -15.28
C ASN A 253 -2.46 -13.26 -16.34
N GLY A 254 -1.22 -13.70 -16.58
CA GLY A 254 -0.96 -14.71 -17.59
C GLY A 254 -0.74 -14.11 -18.97
N LEU A 255 -1.74 -13.37 -19.46
CA LEU A 255 -1.66 -12.74 -20.81
C LEU A 255 -0.38 -11.91 -20.98
N LEU A 256 0.00 -11.21 -19.91
CA LEU A 256 1.14 -10.31 -19.95
C LEU A 256 2.48 -10.96 -19.67
N HIS A 257 2.45 -12.19 -19.12
CA HIS A 257 3.64 -12.87 -18.58
C HIS A 257 4.87 -12.93 -19.50
N ASP A 258 4.70 -13.41 -20.72
CA ASP A 258 5.84 -13.63 -21.62
C ASP A 258 6.48 -12.31 -22.05
N GLU A 259 5.65 -11.30 -22.27
CA GLU A 259 6.13 -9.95 -22.59
C GLU A 259 6.94 -9.36 -21.42
N VAL A 260 6.41 -9.50 -20.21
CA VAL A 260 7.08 -9.00 -19.01
C VAL A 260 8.45 -9.66 -18.88
N LEU A 261 8.46 -10.99 -18.93
CA LEU A 261 9.71 -11.76 -18.77
C LEU A 261 10.72 -11.41 -19.86
N THR A 262 10.22 -11.21 -21.08
CA THR A 262 11.08 -10.86 -22.22
C THR A 262 11.78 -9.52 -22.03
N ARG A 263 11.02 -8.53 -21.58
CA ARG A 263 11.55 -7.18 -21.32
C ARG A 263 12.58 -7.17 -20.19
N LEU A 264 12.34 -8.03 -19.19
CA LEU A 264 13.25 -8.16 -18.04
C LEU A 264 14.55 -8.91 -18.32
N ASN A 265 14.48 -10.03 -19.02
CA ASN A 265 15.68 -10.67 -19.57
C ASN A 265 16.28 -9.82 -20.71
N ASP B 12 -15.97 25.32 11.83
CA ASP B 12 -15.27 25.03 10.54
C ASP B 12 -14.74 23.58 10.41
N LEU B 13 -14.06 23.09 11.45
CA LEU B 13 -13.56 21.71 11.44
C LEU B 13 -14.75 20.75 11.42
N MET B 14 -15.69 20.96 12.34
CA MET B 14 -16.89 20.12 12.43
C MET B 14 -17.62 20.02 11.08
N LEU B 15 -17.74 21.16 10.38
CA LEU B 15 -18.36 21.17 9.04
C LEU B 15 -17.58 20.30 8.04
N ALA B 16 -16.25 20.46 8.01
CA ALA B 16 -15.38 19.68 7.13
C ALA B 16 -15.54 18.18 7.36
N LEU B 17 -15.47 17.75 8.63
CA LEU B 17 -15.67 16.35 9.01
C LEU B 17 -17.05 15.88 8.57
N ALA B 18 -18.04 16.77 8.64
CA ALA B 18 -19.39 16.46 8.19
C ALA B 18 -19.44 16.30 6.68
N LEU B 19 -18.73 17.18 5.96
CA LEU B 19 -18.71 17.09 4.50
C LEU B 19 -18.05 15.79 4.02
N ALA B 20 -17.03 15.37 4.75
CA ALA B 20 -16.36 14.10 4.49
C ALA B 20 -17.28 12.91 4.76
N ASP B 21 -18.05 12.97 5.86
CA ASP B 21 -19.04 11.94 6.18
C ASP B 21 -19.99 11.75 5.03
N ARG B 22 -20.41 12.87 4.44
CA ARG B 22 -21.34 12.89 3.31
C ARG B 22 -20.68 12.38 2.03
N ALA B 23 -19.46 12.87 1.74
CA ALA B 23 -18.67 12.39 0.61
C ALA B 23 -18.37 10.89 0.70
N ASP B 24 -18.08 10.40 1.91
CA ASP B 24 -17.85 8.98 2.18
C ASP B 24 -19.03 8.08 1.78
N GLU B 25 -20.26 8.53 2.09
CA GLU B 25 -21.50 7.84 1.67
C GLU B 25 -21.61 7.73 0.14
N LEU B 26 -21.35 8.84 -0.54
CA LEU B 26 -21.41 8.90 -2.00
C LEU B 26 -20.34 8.05 -2.65
N THR B 27 -19.12 8.11 -2.13
CA THR B 27 -17.97 7.39 -2.73
C THR B 27 -17.98 5.87 -2.49
N ARG B 28 -18.32 5.46 -1.25
CA ARG B 28 -18.42 4.03 -0.88
C ARG B 28 -19.31 3.24 -1.85
N VAL B 29 -20.53 3.75 -2.03
CA VAL B 29 -21.54 3.13 -2.88
C VAL B 29 -21.07 3.02 -4.31
N ARG B 30 -20.56 4.12 -4.87
CA ARG B 30 -20.03 4.12 -6.24
C ARG B 30 -18.79 3.23 -6.47
N PHE B 31 -17.89 3.14 -5.47
CA PHE B 31 -16.72 2.24 -5.52
C PHE B 31 -17.19 0.80 -5.58
N GLY B 32 -18.14 0.46 -4.70
CA GLY B 32 -18.79 -0.86 -4.71
C GLY B 32 -19.51 -1.21 -6.00
N ALA B 33 -20.21 -0.23 -6.58
CA ALA B 33 -20.95 -0.39 -7.85
C ALA B 33 -20.09 -0.67 -9.10
N LEU B 34 -18.77 -0.49 -9.01
CA LEU B 34 -17.89 -0.54 -10.19
C LEU B 34 -17.77 -1.93 -10.84
N ASP B 35 -17.84 -1.95 -12.16
CA ASP B 35 -17.61 -3.17 -12.92
C ASP B 35 -16.11 -3.29 -13.14
N LEU B 36 -15.48 -4.21 -12.41
CA LEU B 36 -14.00 -4.29 -12.39
C LEU B 36 -13.35 -5.08 -13.53
N ARG B 37 -14.14 -5.82 -14.31
CA ARG B 37 -13.61 -6.47 -15.53
C ARG B 37 -13.01 -5.41 -16.43
N ILE B 38 -11.80 -5.67 -16.91
CA ILE B 38 -11.03 -4.70 -17.70
C ILE B 38 -10.03 -5.41 -18.61
N ASP B 39 -9.76 -4.84 -19.79
CA ASP B 39 -8.79 -5.45 -20.73
C ASP B 39 -7.88 -4.47 -21.48
N THR B 40 -7.98 -3.19 -21.12
CA THR B 40 -7.23 -2.09 -21.73
C THR B 40 -7.15 -0.97 -20.66
N LYS B 41 -6.58 0.19 -20.98
CA LYS B 41 -6.66 1.36 -20.06
C LYS B 41 -8.11 1.55 -19.60
N PRO B 42 -8.35 1.88 -18.31
CA PRO B 42 -9.73 1.84 -17.80
C PRO B 42 -10.60 3.01 -18.26
N ASP B 43 -11.88 2.73 -18.42
CA ASP B 43 -12.89 3.76 -18.64
C ASP B 43 -12.95 4.62 -17.38
N LEU B 44 -12.31 5.79 -17.45
CA LEU B 44 -12.31 6.79 -16.38
C LEU B 44 -13.71 7.39 -16.13
N THR B 45 -14.59 7.26 -17.13
CA THR B 45 -15.97 7.81 -17.14
C THR B 45 -16.74 7.71 -15.80
N PRO B 46 -16.89 6.49 -15.21
CA PRO B 46 -17.60 6.35 -13.91
C PRO B 46 -16.95 7.08 -12.72
N VAL B 47 -15.63 7.24 -12.78
CA VAL B 47 -14.92 8.04 -11.77
C VAL B 47 -15.17 9.53 -11.96
N THR B 48 -15.18 10.00 -13.22
CA THR B 48 -15.54 11.41 -13.56
C THR B 48 -16.97 11.71 -13.12
N ASP B 49 -17.86 10.74 -13.31
CA ASP B 49 -19.25 10.83 -12.87
C ASP B 49 -19.29 10.99 -11.35
N ALA B 50 -18.65 10.07 -10.62
CA ALA B 50 -18.57 10.11 -9.16
C ALA B 50 -17.91 11.37 -8.62
N ASP B 51 -16.84 11.79 -9.29
CA ASP B 51 -16.08 12.98 -8.91
C ASP B 51 -17.03 14.18 -8.98
N ARG B 52 -17.73 14.31 -10.11
CA ARG B 52 -18.68 15.41 -10.32
C ARG B 52 -19.84 15.39 -9.32
N ALA B 53 -20.36 14.18 -9.06
CA ALA B 53 -21.46 13.98 -8.14
C ALA B 53 -21.09 14.45 -6.75
N VAL B 54 -19.89 14.12 -6.29
CA VAL B 54 -19.46 14.47 -4.93
C VAL B 54 -19.21 15.99 -4.83
N GLU B 55 -18.57 16.54 -5.85
CA GLU B 55 -18.28 17.98 -5.89
C GLU B 55 -19.54 18.82 -5.85
N SER B 56 -20.51 18.46 -6.70
CA SER B 56 -21.83 19.10 -6.74
C SER B 56 -22.50 19.07 -5.36
N ASP B 57 -22.50 17.90 -4.71
CA ASP B 57 -23.14 17.75 -3.40
C ASP B 57 -22.45 18.56 -2.31
N VAL B 58 -21.12 18.71 -2.42
CA VAL B 58 -20.34 19.56 -1.51
C VAL B 58 -20.57 21.06 -1.77
N ARG B 59 -20.61 21.45 -3.05
CA ARG B 59 -20.97 22.81 -3.47
C ARG B 59 -22.33 23.21 -2.90
N GLN B 60 -23.30 22.31 -3.04
CA GLN B 60 -24.66 22.46 -2.48
C GLN B 60 -24.69 22.62 -0.96
N THR B 61 -23.96 21.77 -0.25
CA THR B 61 -23.86 21.87 1.21
C THR B 61 -23.00 23.05 1.57
N ARG B 64 -25.92 27.02 1.18
CA ARG B 64 -26.16 26.32 2.43
C ARG B 64 -25.49 27.06 3.59
N ASP B 65 -25.00 26.33 4.59
CA ASP B 65 -24.21 26.90 5.71
C ASP B 65 -22.85 27.45 5.25
N ARG B 66 -22.32 28.53 5.79
CA ARG B 66 -21.06 29.16 5.30
C ARG B 66 -21.10 29.63 3.85
N PRO B 67 -22.23 30.22 3.42
CA PRO B 67 -22.63 30.91 2.17
C PRO B 67 -21.66 32.02 1.70
N GLY B 68 -21.09 32.75 2.67
CA GLY B 68 -20.06 33.75 2.41
C GLY B 68 -18.83 33.23 1.69
N ASP B 69 -18.33 32.08 2.17
CA ASP B 69 -17.05 31.51 1.71
C ASP B 69 -17.12 31.07 0.26
N GLY B 70 -15.99 31.18 -0.43
CA GLY B 70 -15.81 30.68 -1.80
C GLY B 70 -15.60 29.17 -1.86
N VAL B 71 -15.54 28.63 -3.07
CA VAL B 71 -15.25 27.21 -3.27
C VAL B 71 -14.54 26.98 -4.60
N LEU B 72 -13.41 26.26 -4.54
CA LEU B 72 -12.64 25.89 -5.72
C LEU B 72 -12.76 24.39 -5.98
N GLU B 74 -11.74 20.99 -8.21
CA GLU B 74 -10.89 20.33 -9.19
C GLU B 74 -11.70 19.83 -10.39
N GLU B 75 -12.93 19.41 -10.14
CA GLU B 75 -13.81 18.85 -11.17
C GLU B 75 -14.54 19.94 -11.95
N PHE B 76 -15.14 20.88 -11.20
CA PHE B 76 -16.03 21.91 -11.75
C PHE B 76 -15.39 23.29 -11.80
N PHE B 82 -7.49 33.38 -4.65
CA PHE B 82 -7.24 32.84 -3.33
C PHE B 82 -7.39 33.94 -2.30
N THR B 83 -8.61 34.44 -2.16
CA THR B 83 -8.91 35.51 -1.21
C THR B 83 -9.83 35.03 -0.10
N GLY B 84 -9.55 35.43 1.15
CA GLY B 84 -10.45 35.17 2.29
C GLY B 84 -10.67 33.69 2.59
N ARG B 85 -11.90 33.33 2.98
CA ARG B 85 -12.34 31.93 3.22
C ARG B 85 -12.64 31.24 1.89
N GLN B 86 -11.84 30.24 1.52
CA GLN B 86 -12.03 29.45 0.30
C GLN B 86 -11.92 27.97 0.59
N TRP B 87 -12.93 27.20 0.20
CA TRP B 87 -12.87 25.74 0.25
C TRP B 87 -12.29 25.15 -1.03
N ILE B 88 -11.44 24.15 -0.85
CA ILE B 88 -10.79 23.48 -1.95
C ILE B 88 -11.17 22.01 -1.74
N VAL B 89 -11.70 21.39 -2.79
CA VAL B 89 -12.16 20.00 -2.70
C VAL B 89 -11.72 19.13 -3.87
N ASP B 90 -10.98 18.06 -3.55
CA ASP B 90 -10.81 16.95 -4.50
C ASP B 90 -11.59 15.74 -3.99
N PRO B 91 -12.73 15.43 -4.64
CA PRO B 91 -13.63 14.43 -4.09
C PRO B 91 -13.05 13.02 -4.16
N ILE B 92 -12.26 12.75 -5.21
CA ILE B 92 -11.58 11.45 -5.36
C ILE B 92 -10.13 11.63 -5.82
N ASP B 93 -9.20 11.68 -4.86
CA ASP B 93 -7.77 11.57 -5.16
C ASP B 93 -7.43 10.08 -5.27
N GLY B 94 -6.71 9.71 -6.32
CA GLY B 94 -6.48 8.31 -6.59
C GLY B 94 -7.54 7.69 -7.46
N THR B 95 -8.05 8.44 -8.43
CA THR B 95 -9.04 7.92 -9.39
C THR B 95 -8.54 6.72 -10.20
N LYS B 96 -7.25 6.71 -10.53
CA LYS B 96 -6.66 5.55 -11.21
C LYS B 96 -6.63 4.28 -10.33
N ASN B 97 -6.63 4.44 -9.01
CA ASN B 97 -6.86 3.29 -8.12
C ASN B 97 -8.32 2.90 -8.04
N PHE B 98 -9.19 3.89 -7.81
CA PHE B 98 -10.65 3.75 -7.74
C PHE B 98 -11.19 2.89 -8.89
N VAL B 99 -10.84 3.28 -10.11
CA VAL B 99 -11.29 2.62 -11.32
C VAL B 99 -10.77 1.16 -11.50
N ARG B 100 -9.64 0.81 -10.87
CA ARG B 100 -9.12 -0.54 -10.95
C ARG B 100 -9.53 -1.40 -9.76
N GLY B 101 -10.21 -0.80 -8.78
CA GLY B 101 -10.65 -1.55 -7.59
C GLY B 101 -9.67 -1.51 -6.42
N VAL B 102 -8.53 -0.83 -6.61
CA VAL B 102 -7.50 -0.58 -5.58
C VAL B 102 -8.01 0.49 -4.59
N PRO B 103 -8.05 0.16 -3.28
CA PRO B 103 -8.79 0.99 -2.33
C PRO B 103 -8.04 2.25 -1.83
N VAL B 104 -6.86 2.49 -2.41
CA VAL B 104 -6.03 3.66 -2.08
C VAL B 104 -6.57 4.88 -2.85
N TRP B 105 -7.58 5.50 -2.26
CA TRP B 105 -8.21 6.70 -2.82
C TRP B 105 -8.95 7.41 -1.70
N ALA B 106 -9.03 8.74 -1.79
CA ALA B 106 -9.67 9.53 -0.74
C ALA B 106 -10.30 10.82 -1.25
N SER B 107 -11.21 11.37 -0.44
CA SER B 107 -11.68 12.75 -0.58
C SER B 107 -10.78 13.68 0.22
N LEU B 108 -10.34 14.76 -0.42
CA LEU B 108 -9.57 15.80 0.25
C LEU B 108 -10.40 17.10 0.30
N ILE B 109 -10.74 17.49 1.53
CA ILE B 109 -11.54 18.68 1.84
C ILE B 109 -10.65 19.60 2.66
N ALA B 110 -10.45 20.84 2.18
CA ALA B 110 -9.61 21.81 2.92
C ALA B 110 -10.15 23.24 2.84
N LEU B 111 -10.06 23.95 3.97
CA LEU B 111 -10.35 25.40 4.03
C LEU B 111 -9.07 26.22 4.00
N LEU B 112 -8.97 27.11 3.03
CA LEU B 112 -7.84 28.05 2.91
C LEU B 112 -8.26 29.45 3.37
N GLU B 113 -7.44 30.08 4.19
CA GLU B 113 -7.67 31.44 4.67
C GLU B 113 -6.56 32.33 4.13
N ASP B 114 -6.94 33.22 3.20
CA ASP B 114 -6.01 34.01 2.37
C ASP B 114 -4.90 33.14 1.74
N GLY B 115 -5.31 31.98 1.24
CA GLY B 115 -4.41 31.02 0.59
C GLY B 115 -3.54 30.17 1.50
N VAL B 116 -3.81 30.18 2.81
CA VAL B 116 -3.10 29.32 3.78
C VAL B 116 -4.07 28.30 4.40
N PRO B 117 -3.79 26.99 4.23
CA PRO B 117 -4.67 25.93 4.74
C PRO B 117 -4.83 25.96 6.26
N SER B 118 -6.08 26.04 6.69
CA SER B 118 -6.42 26.14 8.12
C SER B 118 -7.17 24.90 8.63
N VAL B 119 -7.85 24.20 7.73
CA VAL B 119 -8.62 23.00 8.04
C VAL B 119 -8.42 21.98 6.92
N GLY B 120 -8.17 20.73 7.30
CA GLY B 120 -8.00 19.66 6.32
C GLY B 120 -8.63 18.36 6.78
N VAL B 121 -9.24 17.67 5.83
CA VAL B 121 -9.72 16.31 6.06
C VAL B 121 -9.36 15.43 4.86
N VAL B 122 -8.78 14.27 5.16
CA VAL B 122 -8.50 13.25 4.16
C VAL B 122 -9.34 12.07 4.59
N SER B 123 -10.28 11.67 3.72
CA SER B 123 -11.18 10.56 4.05
C SER B 123 -11.12 9.47 3.00
N ALA B 124 -10.62 8.32 3.44
CA ALA B 124 -10.44 7.14 2.60
C ALA B 124 -11.31 6.01 3.15
N PRO B 125 -12.61 6.02 2.79
CA PRO B 125 -13.54 5.07 3.40
C PRO B 125 -13.21 3.62 3.06
N ALA B 126 -12.67 3.39 1.86
CA ALA B 126 -12.24 2.06 1.41
C ALA B 126 -11.03 1.50 2.18
N LEU B 127 -10.28 2.38 2.85
CA LEU B 127 -9.22 1.97 3.77
C LEU B 127 -9.69 2.08 5.22
N GLN B 128 -10.95 2.48 5.40
CA GLN B 128 -11.57 2.64 6.73
C GLN B 128 -10.78 3.61 7.56
N ARG B 129 -10.31 4.67 6.91
CA ARG B 129 -9.46 5.66 7.55
C ARG B 129 -9.86 7.11 7.28
N ARG B 130 -9.63 7.96 8.27
CA ARG B 130 -9.72 9.40 8.10
C ARG B 130 -8.60 10.11 8.87
N TRP B 131 -8.01 11.12 8.22
CA TRP B 131 -7.02 11.99 8.87
C TRP B 131 -7.53 13.42 8.75
N TRP B 132 -7.39 14.18 9.85
CA TRP B 132 -7.82 15.58 9.87
C TRP B 132 -6.95 16.48 10.75
N ALA B 133 -7.05 17.79 10.51
CA ALA B 133 -6.32 18.80 11.27
C ALA B 133 -6.99 20.16 11.08
N ALA B 134 -6.98 20.95 12.17
CA ALA B 134 -7.30 22.38 12.11
C ALA B 134 -6.15 23.14 12.78
N ARG B 135 -5.82 24.32 12.26
CA ARG B 135 -4.69 25.15 12.74
C ARG B 135 -4.71 25.33 14.24
N GLY B 136 -3.58 25.07 14.89
CA GLY B 136 -3.45 25.16 16.34
C GLY B 136 -4.13 24.09 17.19
N ARG B 137 -4.96 23.25 16.56
CA ARG B 137 -5.75 22.23 17.26
C ARG B 137 -5.19 20.80 17.19
N GLY B 138 -4.19 20.59 16.33
CA GLY B 138 -3.53 19.30 16.19
C GLY B 138 -4.07 18.49 15.01
N ALA B 139 -3.40 17.37 14.75
CA ALA B 139 -3.78 16.43 13.70
C ALA B 139 -4.18 15.10 14.30
N PHE B 140 -5.18 14.45 13.69
CA PHE B 140 -5.71 13.21 14.20
C PHE B 140 -6.00 12.21 13.09
N ALA B 141 -6.09 10.94 13.45
CA ALA B 141 -6.56 9.91 12.53
C ALA B 141 -7.51 8.97 13.22
N SER B 142 -8.50 8.46 12.48
CA SER B 142 -9.34 7.35 12.96
C SER B 142 -9.18 6.13 12.05
N VAL B 143 -9.19 4.95 12.67
CA VAL B 143 -9.29 3.68 11.94
C VAL B 143 -10.60 2.95 12.25
N ASP B 144 -11.44 2.76 11.23
CA ASP B 144 -12.80 2.16 11.33
C ASP B 144 -13.69 2.87 12.34
N GLY B 145 -13.70 4.20 12.26
CA GLY B 145 -14.50 5.05 13.15
C GLY B 145 -14.21 4.97 14.64
N ALA B 146 -13.25 4.12 15.05
CA ALA B 146 -12.79 4.01 16.44
C ALA B 146 -12.08 5.29 16.92
N ARG B 147 -12.01 5.48 18.24
CA ARG B 147 -11.51 6.72 18.88
C ARG B 147 -10.25 7.28 18.22
N PRO B 148 -10.28 8.58 17.84
CA PRO B 148 -9.16 9.27 17.19
C PRO B 148 -7.87 9.27 18.02
N HIS B 149 -6.74 9.18 17.32
CA HIS B 149 -5.41 9.28 17.91
C HIS B 149 -4.72 10.55 17.43
N ARG B 150 -4.03 11.24 18.35
CA ARG B 150 -3.23 12.41 17.97
C ARG B 150 -1.96 11.95 17.25
N LEU B 151 -1.66 12.61 16.13
CA LEU B 151 -0.53 12.26 15.28
C LEU B 151 0.72 13.07 15.62
N SER B 152 1.85 12.40 15.56
CA SER B 152 3.13 13.07 15.60
C SER B 152 4.08 12.44 14.60
N VAL B 153 4.86 13.28 13.93
CA VAL B 153 5.89 12.80 13.01
C VAL B 153 6.96 12.02 13.77
N SER B 154 7.77 11.25 13.05
CA SER B 154 8.82 10.42 13.66
C SER B 154 9.97 11.29 14.14
N SER B 155 10.90 10.68 14.87
CA SER B 155 12.10 11.36 15.34
C SER B 155 13.37 10.94 14.62
N VAL B 156 13.20 10.37 13.43
CA VAL B 156 14.31 9.89 12.64
C VAL B 156 15.10 11.09 12.12
N ALA B 157 16.36 11.16 12.55
CA ALA B 157 17.23 12.28 12.23
C ALA B 157 18.21 11.99 11.10
N GLU B 158 18.54 10.72 10.89
CA GLU B 158 19.54 10.35 9.88
C GLU B 158 18.93 9.70 8.63
N LEU B 159 19.24 10.27 7.46
CA LEU B 159 18.73 9.80 6.16
C LEU B 159 18.89 8.29 5.98
N HIS B 160 20.05 7.74 6.37
CA HIS B 160 20.36 6.30 6.25
C HIS B 160 19.44 5.40 7.06
N SER B 161 18.66 6.01 7.96
CA SER B 161 17.69 5.32 8.81
C SER B 161 16.23 5.61 8.47
N ALA B 162 16.01 6.44 7.44
CA ALA B 162 14.67 6.96 7.09
C ALA B 162 13.86 6.03 6.18
N SER B 163 12.55 5.99 6.41
CA SER B 163 11.62 5.31 5.49
C SER B 163 10.97 6.32 4.54
N LEU B 164 11.02 6.04 3.23
CA LEU B 164 10.46 6.94 2.21
C LEU B 164 9.30 6.28 1.48
N SER B 165 8.25 7.04 1.17
CA SER B 165 7.18 6.60 0.24
C SER B 165 6.94 7.63 -0.90
N PHE B 166 6.88 7.13 -2.13
CA PHE B 166 6.61 8.01 -3.26
C PHE B 166 5.39 7.53 -4.05
N SER B 167 5.27 8.00 -5.30
CA SER B 167 4.16 7.60 -6.13
C SER B 167 4.57 6.70 -7.27
N SER B 168 5.33 7.23 -8.23
CA SER B 168 5.84 6.45 -9.34
C SER B 168 7.10 7.12 -9.80
N LEU B 169 7.91 6.41 -10.60
CA LEU B 169 9.21 6.93 -10.99
C LEU B 169 9.07 7.88 -12.19
N SER B 170 8.14 7.59 -13.09
CA SER B 170 7.94 8.38 -14.33
C SER B 170 7.76 9.88 -14.13
N GLY B 171 6.99 10.29 -13.10
CA GLY B 171 6.81 11.71 -12.79
C GLY B 171 8.08 12.57 -12.72
N TRP B 172 9.15 11.98 -12.17
CA TRP B 172 10.48 12.61 -12.05
C TRP B 172 11.10 12.69 -13.46
N ALA B 173 10.78 13.78 -14.15
CA ALA B 173 10.90 13.85 -15.61
C ALA B 173 12.33 14.13 -16.02
N ARG B 174 12.82 15.30 -15.61
CA ARG B 174 14.21 15.72 -15.73
C ARG B 174 15.22 14.55 -15.47
N PRO B 175 16.00 14.13 -16.52
CA PRO B 175 16.96 13.02 -16.44
C PRO B 175 17.94 13.08 -15.26
N GLY B 176 18.26 14.28 -14.81
CA GLY B 176 19.12 14.51 -13.64
C GLY B 176 18.38 14.41 -12.31
N LEU B 177 17.17 14.98 -12.26
CA LEU B 177 16.28 14.87 -11.08
C LEU B 177 15.85 13.43 -10.80
N ARG B 178 15.67 12.65 -11.86
CA ARG B 178 15.38 11.24 -11.75
C ARG B 178 16.56 10.50 -11.13
N GLU B 179 17.76 10.78 -11.64
CA GLU B 179 18.99 10.14 -11.12
C GLU B 179 19.20 10.51 -9.65
N ARG B 180 18.98 11.80 -9.33
CA ARG B 180 19.05 12.28 -7.96
C ARG B 180 18.04 11.59 -7.05
N PHE B 181 16.79 11.46 -7.54
CA PHE B 181 15.73 10.82 -6.77
C PHE B 181 16.04 9.33 -6.55
N ILE B 182 16.49 8.65 -7.62
CA ILE B 182 16.88 7.25 -7.57
C ILE B 182 18.00 7.10 -6.53
N GLY B 183 18.95 8.03 -6.57
CA GLY B 183 19.99 8.15 -5.55
C GLY B 183 19.42 8.20 -4.15
N LEU B 184 18.43 9.08 -3.93
CA LEU B 184 17.81 9.24 -2.61
C LEU B 184 17.24 7.92 -2.10
N THR B 185 16.65 7.15 -3.00
CA THR B 185 16.05 5.88 -2.67
C THR B 185 17.11 4.86 -2.29
N ASP B 186 18.28 4.95 -2.92
CA ASP B 186 19.40 4.08 -2.57
C ASP B 186 19.93 4.33 -1.14
N THR B 187 19.96 5.60 -0.74
CA THR B 187 20.50 5.98 0.58
C THR B 187 19.59 5.74 1.82
N VAL B 188 18.28 5.85 1.67
CA VAL B 188 17.38 5.67 2.80
C VAL B 188 17.25 4.21 3.21
N TRP B 189 16.69 3.98 4.38
CA TRP B 189 16.62 2.64 4.95
C TRP B 189 15.53 1.81 4.29
N ARG B 190 14.38 2.44 4.02
CA ARG B 190 13.21 1.75 3.45
C ARG B 190 12.59 2.61 2.35
N VAL B 191 12.19 1.96 1.25
CA VAL B 191 11.48 2.62 0.15
C VAL B 191 10.24 1.84 -0.21
N ARG B 192 9.10 2.54 -0.20
CA ARG B 192 7.87 2.07 -0.84
C ARG B 192 7.26 3.16 -1.71
N ALA B 193 6.19 2.81 -2.41
CA ALA B 193 5.40 3.80 -3.11
C ALA B 193 3.92 3.53 -2.87
N TYR B 194 3.41 3.94 -1.70
CA TYR B 194 2.00 3.75 -1.35
C TYR B 194 1.13 4.66 -2.19
N GLY B 195 1.72 5.79 -2.62
CA GLY B 195 1.15 6.66 -3.64
C GLY B 195 0.17 7.70 -3.13
N ASP B 196 0.11 8.81 -3.88
CA ASP B 196 -0.91 9.85 -3.71
C ASP B 196 -0.91 10.37 -2.27
N PHE B 197 -2.10 10.47 -1.69
CA PHE B 197 -2.26 11.06 -0.38
C PHE B 197 -1.68 10.17 0.70
N LEU B 198 -1.57 8.86 0.44
CA LEU B 198 -1.23 7.92 1.50
C LEU B 198 0.15 8.20 2.05
N SER B 199 1.11 8.43 1.15
CA SER B 199 2.50 8.71 1.52
C SER B 199 2.59 9.84 2.56
N TYR B 200 1.86 10.93 2.32
CA TYR B 200 1.87 12.09 3.21
C TYR B 200 1.21 11.82 4.54
N CYS B 201 0.09 11.11 4.53
CA CYS B 201 -0.61 10.73 5.77
C CYS B 201 0.24 9.86 6.67
N LEU B 202 1.02 8.96 6.06
CA LEU B 202 1.98 8.13 6.77
C LEU B 202 3.12 8.94 7.40
N VAL B 203 3.59 9.95 6.68
CA VAL B 203 4.56 10.90 7.24
C VAL B 203 3.96 11.54 8.50
N ALA B 204 2.74 12.08 8.38
CA ALA B 204 2.05 12.70 9.51
C ALA B 204 1.88 11.72 10.67
N GLU B 205 1.62 10.45 10.37
CA GLU B 205 1.48 9.42 11.40
C GLU B 205 2.79 9.05 12.04
N GLY B 206 3.90 9.39 11.38
CA GLY B 206 5.22 9.03 11.86
C GLY B 206 5.66 7.64 11.44
N ALA B 207 4.89 6.99 10.57
CA ALA B 207 5.19 5.61 10.11
C ALA B 207 6.16 5.60 8.94
N VAL B 208 6.29 6.78 8.33
CA VAL B 208 7.17 7.01 7.20
C VAL B 208 7.84 8.33 7.56
N ASP B 209 9.05 8.54 7.05
CA ASP B 209 9.79 9.77 7.33
C ASP B 209 9.85 10.77 6.18
N ILE B 210 9.71 10.30 4.95
CA ILE B 210 9.73 11.16 3.77
C ILE B 210 8.64 10.76 2.76
N ALA B 211 7.91 11.76 2.26
CA ALA B 211 7.01 11.58 1.12
C ALA B 211 7.33 12.60 0.04
N ALA B 212 7.31 12.19 -1.23
CA ALA B 212 7.62 13.13 -2.31
C ALA B 212 6.94 12.83 -3.65
N GLU B 213 6.39 13.88 -4.25
CA GLU B 213 5.82 13.80 -5.59
C GLU B 213 6.28 14.98 -6.39
N PRO B 214 6.75 14.77 -7.64
CA PRO B 214 7.35 15.85 -8.45
C PRO B 214 6.38 16.77 -9.19
N GLN B 215 5.14 16.32 -9.38
CA GLN B 215 4.08 17.17 -9.92
C GLN B 215 2.77 16.90 -9.17
N VAL B 216 2.34 17.87 -8.36
CA VAL B 216 1.13 17.74 -7.56
C VAL B 216 0.43 19.08 -7.37
N SER B 217 -0.89 19.10 -7.64
CA SER B 217 -1.72 20.31 -7.63
C SER B 217 -2.13 20.77 -6.24
N VAL B 218 -2.53 22.03 -6.13
CA VAL B 218 -3.02 22.59 -4.88
C VAL B 218 -4.24 21.85 -4.27
N TRP B 219 -5.12 21.31 -5.11
CA TRP B 219 -6.27 20.53 -4.63
C TRP B 219 -5.81 19.27 -3.92
N ASP B 220 -4.76 18.66 -4.47
CA ASP B 220 -4.16 17.46 -3.93
C ASP B 220 -3.28 17.67 -2.69
N LEU B 221 -2.79 18.89 -2.46
CA LEU B 221 -1.90 19.17 -1.30
C LEU B 221 -2.51 19.90 -0.12
N ALA B 222 -3.59 20.63 -0.34
CA ALA B 222 -4.11 21.56 0.67
C ALA B 222 -4.48 20.92 2.02
N ALA B 223 -5.27 19.84 2.00
CA ALA B 223 -5.61 19.08 3.21
C ALA B 223 -4.35 18.50 3.87
N LEU B 224 -3.41 18.06 3.03
CA LEU B 224 -2.17 17.44 3.50
C LEU B 224 -1.23 18.42 4.18
N ASP B 225 -1.20 19.67 3.70
CA ASP B 225 -0.28 20.66 4.25
C ASP B 225 -0.58 20.86 5.75
N ILE B 226 -1.84 21.13 6.05
CA ILE B 226 -2.25 21.32 7.43
C ILE B 226 -2.06 20.06 8.31
N VAL B 227 -2.34 18.87 7.74
CA VAL B 227 -2.23 17.60 8.49
C VAL B 227 -0.78 17.32 8.84
N VAL B 228 0.11 17.44 7.86
CA VAL B 228 1.55 17.26 8.07
C VAL B 228 2.07 18.22 9.15
N ARG B 229 1.70 19.49 9.03
CA ARG B 229 2.22 20.54 9.93
C ARG B 229 1.71 20.41 11.36
N GLU B 230 0.41 20.17 11.52
CA GLU B 230 -0.19 19.92 12.85
C GLU B 230 0.33 18.64 13.50
N ALA B 231 0.84 17.72 12.69
CA ALA B 231 1.50 16.51 13.19
C ALA B 231 2.95 16.79 13.57
N GLY B 232 3.43 17.98 13.20
CA GLY B 232 4.79 18.40 13.52
C GLY B 232 5.81 18.27 12.40
N GLY B 233 5.34 18.04 11.19
CA GLY B 233 6.22 17.86 10.04
C GLY B 233 6.31 19.10 9.20
N ARG B 234 7.04 19.00 8.10
CA ARG B 234 7.11 20.10 7.15
C ARG B 234 6.79 19.60 5.75
N LEU B 235 6.06 20.43 5.01
CA LEU B 235 5.69 20.15 3.62
C LEU B 235 6.07 21.36 2.75
N THR B 236 6.90 21.12 1.73
CA THR B 236 7.37 22.17 0.80
C THR B 236 7.42 21.67 -0.66
N SER B 237 7.52 22.60 -1.61
CA SER B 237 7.89 22.24 -2.98
C SER B 237 9.29 21.66 -2.97
N LEU B 238 9.67 21.07 -4.10
CA LEU B 238 11.05 20.67 -4.37
C LEU B 238 12.01 21.83 -4.32
N ASP B 239 11.53 23.04 -4.54
CA ASP B 239 12.34 24.25 -4.38
C ASP B 239 12.29 24.82 -2.97
N GLY B 240 11.70 24.08 -2.04
CA GLY B 240 11.63 24.50 -0.64
C GLY B 240 10.63 25.61 -0.29
N VAL B 241 9.71 25.91 -1.21
CA VAL B 241 8.57 26.80 -0.93
C VAL B 241 7.56 26.08 -0.03
N ALA B 242 7.35 26.58 1.19
CA ALA B 242 6.39 26.01 2.13
C ALA B 242 4.97 26.06 1.58
N GLY B 243 4.17 25.06 1.91
CA GLY B 243 2.76 25.02 1.51
C GLY B 243 2.39 24.29 0.22
N PRO B 244 1.11 24.35 -0.21
CA PRO B 244 0.44 23.54 -1.24
C PRO B 244 0.48 24.06 -2.71
N HIS B 245 1.05 25.25 -2.92
CA HIS B 245 0.99 25.94 -4.21
C HIS B 245 2.22 25.72 -5.06
N GLY B 246 3.16 24.94 -4.54
CA GLY B 246 4.47 24.81 -5.15
C GLY B 246 4.60 23.98 -6.41
N GLY B 247 3.56 23.21 -6.75
CA GLY B 247 3.59 22.36 -7.95
C GLY B 247 4.24 20.99 -7.79
N SER B 248 4.87 20.80 -6.64
CA SER B 248 5.52 19.56 -6.25
C SER B 248 5.46 19.58 -4.74
N ALA B 249 5.69 18.44 -4.10
CA ALA B 249 5.70 18.38 -2.66
C ALA B 249 6.71 17.39 -2.13
N VAL B 250 7.37 17.78 -1.04
CA VAL B 250 8.16 16.92 -0.21
C VAL B 250 7.64 17.14 1.21
N ALA B 251 7.09 16.10 1.81
CA ALA B 251 6.78 16.14 3.24
C ALA B 251 7.76 15.30 4.01
N THR B 252 8.16 15.77 5.19
CA THR B 252 9.07 15.04 6.09
C THR B 252 8.67 15.26 7.55
N ASN B 253 9.41 14.62 8.45
CA ASN B 253 9.29 14.88 9.89
C ASN B 253 9.97 16.17 10.33
N GLY B 254 10.33 17.03 9.38
CA GLY B 254 11.05 18.28 9.71
C GLY B 254 12.55 18.08 9.83
N LEU B 255 12.96 17.18 10.72
CA LEU B 255 14.38 16.94 10.99
C LEU B 255 15.14 16.55 9.71
N LEU B 256 14.48 15.81 8.83
CA LEU B 256 15.09 15.32 7.60
C LEU B 256 14.92 16.27 6.43
N HIS B 257 14.16 17.34 6.60
CA HIS B 257 13.71 18.16 5.49
C HIS B 257 14.83 18.77 4.61
N ASP B 258 15.75 19.47 5.26
CA ASP B 258 16.81 20.18 4.52
C ASP B 258 17.76 19.21 3.79
N GLU B 259 18.04 18.06 4.41
CA GLU B 259 18.89 17.05 3.81
C GLU B 259 18.22 16.46 2.57
N VAL B 260 16.91 16.24 2.65
CA VAL B 260 16.14 15.69 1.53
C VAL B 260 16.14 16.67 0.35
N LEU B 261 15.80 17.93 0.62
CA LEU B 261 15.79 18.96 -0.40
C LEU B 261 17.15 19.15 -1.05
N THR B 262 18.21 19.09 -0.23
CA THR B 262 19.57 19.30 -0.72
C THR B 262 19.96 18.18 -1.68
N ARG B 263 19.65 16.94 -1.32
CA ARG B 263 19.96 15.79 -2.17
C ARG B 263 19.20 15.80 -3.50
N LEU B 264 18.01 16.40 -3.49
CA LEU B 264 17.19 16.50 -4.71
C LEU B 264 17.54 17.69 -5.61
N ASN B 265 17.89 18.83 -5.02
CA ASN B 265 18.50 19.92 -5.78
C ASN B 265 19.93 19.53 -6.18
ZN ZN C . 9.28 -13.23 5.12
ZN ZN D . 8.97 -13.32 9.02
CB HSA E . 11.43 -9.42 3.61
CG HSA E . 10.30 -9.55 2.61
CD2 HSA E . 9.31 -10.51 2.69
ND1 HSA E . 10.05 -8.80 1.53
CE1 HSA E . 8.93 -9.28 0.95
NE2 HSA E . 8.47 -10.32 1.65
C HSA E . 11.59 -9.25 6.13
OP4 HSA E . 10.70 -9.48 7.24
P HSA E . 9.54 -10.63 7.36
OP1 HSA E . 9.50 -10.98 8.83
OP2 HSA E . 8.35 -9.82 6.85
OP3 HSA E . 9.88 -11.82 6.51
N HSA E . 10.84 -7.34 4.71
CA HSA E . 10.84 -8.79 4.86
P PO4 F . 1.18 8.16 -11.18
O1 PO4 F . -0.29 8.25 -10.86
O2 PO4 F . 1.62 9.42 -11.90
O3 PO4 F . 1.46 6.92 -12.03
O4 PO4 F . 1.93 8.07 -9.89
N HSO G . -2.43 -0.37 0.15
N HSO G . -1.62 0.06 1.44
CA HSO G . -3.41 -1.26 0.83
CA HSO G . -2.53 0.75 2.40
CB HSO G . -4.13 -0.43 1.92
CB HSO G . -3.73 -0.15 2.66
CG HSO G . -3.16 0.33 2.77
CG HSO G . -4.10 -0.94 1.46
ND1 HSO G . -3.49 0.81 4.02
ND1 HSO G . -5.08 -1.91 1.47
CD2 HSO G . -1.89 0.71 2.54
CD2 HSO G . -3.63 -0.91 0.19
CE1 HSO G . -2.42 1.38 4.55
CE1 HSO G . -5.15 -2.48 0.27
NE2 HSO G . -1.44 1.34 3.68
NE2 HSO G . -4.28 -1.88 -0.51
C HSO G . -4.41 -1.80 -0.21
C HSO G . -1.75 1.03 3.72
O HSO G . -5.34 -2.72 0.37
O HSO G . -2.53 1.79 4.63
ZN ZN H . -6.16 14.86 -7.86
ZN ZN I . -3.03 12.49 -6.63
P PO4 J . -5.54 11.45 -9.28
O1 PO4 J . -6.82 11.83 -8.55
O2 PO4 J . -5.75 11.56 -10.77
O3 PO4 J . -5.16 10.01 -9.00
O4 PO4 J . -4.43 12.38 -8.84
P PO4 K . 12.72 -4.10 0.78
O1 PO4 K . 11.45 -4.28 -0.04
O2 PO4 K . 12.57 -4.91 2.05
O3 PO4 K . 13.85 -4.65 -0.05
O4 PO4 K . 12.99 -2.65 1.12
#